data_1ACJ
#
_entry.id   1ACJ
#
_cell.length_a   113.700
_cell.length_b   113.700
_cell.length_c   138.100
_cell.angle_alpha   90.00
_cell.angle_beta   90.00
_cell.angle_gamma   120.00
#
_symmetry.space_group_name_H-M   'P 31 2 1'
#
loop_
_entity.id
_entity.type
_entity.pdbx_description
1 polymer ACETYLCHOLINESTERASE
2 non-polymer TACRINE
3 water water
#
_entity_poly.entity_id   1
_entity_poly.type   'polypeptide(L)'
_entity_poly.pdbx_seq_one_letter_code
;DDHSELLVNTKSGKVMGTRVPVLSSHISAFLGIPFAEPPVGNMRFRRPEPKKPWSGVWNASTYPNNCQQYVDEQFPGFSG
SEMWNPNREMSEDCLYLNIWVPSPRPKSTTVMVWIYGGGFYSGSSTLDVYNGKYLAYTEEVVLVSLSYRVGAFGFLALHG
SQEAPGNVGLLDQRMALQWVHDNIQFFGGDPKTVTIFGESAGGASVGMHILSPGSRDLFRRAILQSGSPNCPWASVSVAE
GRRRAVELGRNLNCNLNSDEELIHCLREKKPQELIDVEWNVLPFDSIFRFSFVPVIDGEFFPTSLESMLNSGNFKKTQIL
LGVNKDEGSFFLLYGAPGFSKDSESKISREDFMSGVKLSVPHANDLGLDAVTLQYTDWMDDNNGIKNRDGLDDIVGDHNV
ICPLMHFVNKYTKFGNGTYLYFFNHRASNLVWPEWMGVIHGYEIEFVFGLPLVKELNYTAEEEALSRRIMHYWATFAKTG
NPNEPHSQESKWPLFTTKEQKFIDLNTEPMKVHQRLRVQMCVFWNQFLPKLLNATET
;
_entity_poly.pdbx_strand_id   A
#
loop_
_chem_comp.id
_chem_comp.type
_chem_comp.name
_chem_comp.formula
THA non-polymer TACRINE 'C13 H14 N2'
#
# COMPACT_ATOMS: atom_id res chain seq x y z
N SER A 4 -26.38 13.71 20.90
CA SER A 4 -25.45 12.78 20.32
C SER A 4 -24.45 13.58 19.50
N GLU A 5 -24.32 13.33 18.19
CA GLU A 5 -23.36 13.97 17.27
C GLU A 5 -22.07 13.23 17.46
N LEU A 6 -21.66 13.17 18.72
CA LEU A 6 -20.44 12.47 19.11
C LEU A 6 -20.68 11.13 19.76
N LEU A 7 -21.95 10.83 20.03
CA LEU A 7 -22.27 9.57 20.67
C LEU A 7 -22.90 8.74 19.59
N VAL A 8 -22.40 7.52 19.36
CA VAL A 8 -22.99 6.69 18.33
C VAL A 8 -23.17 5.30 18.90
N ASN A 9 -24.29 4.66 18.53
CA ASN A 9 -24.55 3.29 18.97
C ASN A 9 -24.18 2.52 17.75
N THR A 10 -23.36 1.50 17.91
CA THR A 10 -23.00 0.71 16.76
C THR A 10 -23.50 -0.65 17.16
N LYS A 11 -23.57 -1.57 16.22
CA LYS A 11 -24.04 -2.88 16.61
C LYS A 11 -23.14 -3.55 17.66
N SER A 12 -21.90 -3.05 17.88
CA SER A 12 -21.03 -3.66 18.89
C SER A 12 -21.10 -2.93 20.25
N GLY A 13 -21.53 -1.66 20.25
CA GLY A 13 -21.57 -0.96 21.53
C GLY A 13 -21.62 0.51 21.24
N LYS A 14 -21.61 1.35 22.29
CA LYS A 14 -21.65 2.80 22.06
C LYS A 14 -20.25 3.35 21.96
N VAL A 15 -20.08 4.47 21.25
CA VAL A 15 -18.77 5.08 21.11
C VAL A 15 -18.94 6.60 21.18
N MET A 16 -17.99 7.21 21.91
CA MET A 16 -17.89 8.65 22.15
C MET A 16 -16.69 9.12 21.33
N GLY A 17 -16.87 10.14 20.49
CA GLY A 17 -15.74 10.62 19.69
C GLY A 17 -15.26 11.94 20.22
N THR A 18 -14.68 12.74 19.34
CA THR A 18 -14.19 14.04 19.70
C THR A 18 -14.47 14.97 18.57
N ARG A 19 -14.55 16.24 18.91
CA ARG A 19 -14.78 17.24 17.90
C ARG A 19 -13.35 17.67 17.60
N VAL A 20 -12.90 17.61 16.35
CA VAL A 20 -11.53 18.02 16.03
C VAL A 20 -11.60 19.28 15.18
N PRO A 21 -10.70 20.25 15.38
CA PRO A 21 -10.66 21.41 14.51
C PRO A 21 -10.16 21.05 13.14
N VAL A 22 -10.78 21.62 12.12
CA VAL A 22 -10.35 21.36 10.77
C VAL A 22 -10.39 22.69 10.14
N LEU A 23 -9.23 23.20 9.80
CA LEU A 23 -9.20 24.51 9.19
C LEU A 23 -9.84 25.50 10.16
N SER A 24 -10.93 26.08 9.69
CA SER A 24 -11.67 27.07 10.42
C SER A 24 -12.87 26.54 11.16
N SER A 25 -13.07 25.23 11.10
CA SER A 25 -14.22 24.62 11.69
C SER A 25 -13.86 23.43 12.55
N HIS A 26 -14.78 22.47 12.59
CA HIS A 26 -14.64 21.26 13.37
C HIS A 26 -15.19 20.06 12.58
N ILE A 27 -15.01 18.87 13.15
CA ILE A 27 -15.48 17.63 12.56
C ILE A 27 -15.56 16.71 13.73
N SER A 28 -16.09 15.53 13.51
CA SER A 28 -16.16 14.58 14.59
C SER A 28 -15.13 13.56 14.23
N ALA A 29 -14.50 12.98 15.24
CA ALA A 29 -13.50 11.98 14.96
C ALA A 29 -13.71 10.92 15.98
N PHE A 30 -13.66 9.68 15.52
CA PHE A 30 -13.81 8.54 16.40
C PHE A 30 -12.53 7.79 16.13
N LEU A 31 -11.58 7.82 17.06
CA LEU A 31 -10.33 7.12 16.83
C LEU A 31 -10.23 5.89 17.70
N GLY A 32 -9.57 4.84 17.19
CA GLY A 32 -9.38 3.65 17.99
C GLY A 32 -10.58 2.73 18.25
N ILE A 33 -11.56 2.63 17.33
CA ILE A 33 -12.68 1.72 17.60
C ILE A 33 -12.21 0.29 17.32
N PRO A 34 -12.30 -0.64 18.28
CA PRO A 34 -11.78 -1.99 18.06
C PRO A 34 -12.64 -2.69 17.05
N PHE A 35 -12.04 -3.57 16.23
CA PHE A 35 -12.86 -4.27 15.26
C PHE A 35 -12.66 -5.77 15.30
N ALA A 36 -11.80 -6.28 16.19
CA ALA A 36 -11.56 -7.71 16.27
C ALA A 36 -10.99 -7.95 17.64
N GLU A 37 -10.93 -9.20 18.09
CA GLU A 37 -10.36 -9.45 19.42
C GLU A 37 -8.83 -9.35 19.32
N PRO A 38 -8.16 -8.64 20.28
CA PRO A 38 -6.71 -8.47 20.26
C PRO A 38 -5.95 -9.75 20.01
N PRO A 39 -5.20 -9.84 18.92
CA PRO A 39 -4.59 -11.09 18.53
C PRO A 39 -3.31 -11.31 19.30
N VAL A 40 -3.45 -11.39 20.61
CA VAL A 40 -2.29 -11.56 21.44
C VAL A 40 -2.28 -12.99 21.94
N GLY A 41 -1.27 -13.29 22.73
CA GLY A 41 -1.20 -14.62 23.31
C GLY A 41 -1.22 -15.73 22.32
N ASN A 42 -2.01 -16.74 22.68
CA ASN A 42 -2.17 -17.92 21.85
C ASN A 42 -2.88 -17.64 20.51
N MET A 43 -3.29 -16.37 20.31
CA MET A 43 -3.95 -15.98 19.07
C MET A 43 -2.99 -15.42 18.06
N ARG A 44 -1.73 -15.28 18.48
CA ARG A 44 -0.75 -14.75 17.54
C ARG A 44 -0.71 -15.68 16.32
N PHE A 45 -0.64 -15.09 15.12
CA PHE A 45 -0.58 -15.85 13.88
C PHE A 45 -1.93 -16.39 13.45
N ARG A 46 -2.91 -16.36 14.34
CA ARG A 46 -4.20 -16.92 13.94
C ARG A 46 -5.06 -15.84 13.34
N ARG A 47 -6.07 -16.34 12.65
CA ARG A 47 -7.00 -15.43 11.96
C ARG A 47 -7.73 -14.59 13.00
N PRO A 48 -8.13 -13.36 12.68
CA PRO A 48 -8.78 -12.50 13.68
C PRO A 48 -10.20 -12.90 14.07
N GLU A 49 -10.56 -12.71 15.36
CA GLU A 49 -11.93 -13.01 15.79
C GLU A 49 -12.69 -11.70 15.75
N PRO A 50 -14.01 -11.73 15.45
CA PRO A 50 -14.82 -10.52 15.53
C PRO A 50 -14.83 -10.12 16.98
N LYS A 51 -14.85 -8.82 17.24
CA LYS A 51 -14.78 -8.37 18.62
C LYS A 51 -16.06 -8.53 19.42
N LYS A 52 -15.91 -9.04 20.65
CA LYS A 52 -17.07 -9.19 21.51
C LYS A 52 -17.63 -7.80 21.83
N PRO A 53 -18.98 -7.63 21.78
CA PRO A 53 -19.52 -6.30 22.03
C PRO A 53 -19.14 -5.85 23.41
N TRP A 54 -19.27 -4.55 23.59
CA TRP A 54 -18.95 -4.00 24.88
C TRP A 54 -20.15 -3.22 25.40
N SER A 55 -20.07 -3.00 26.71
CA SER A 55 -21.09 -2.26 27.41
C SER A 55 -20.43 -0.91 27.66
N GLY A 56 -21.23 0.04 28.10
CA GLY A 56 -20.60 1.32 28.34
C GLY A 56 -20.44 2.01 27.02
N VAL A 57 -19.56 2.99 27.06
CA VAL A 57 -19.26 3.76 25.88
C VAL A 57 -17.77 3.51 25.69
N TRP A 58 -17.39 3.30 24.44
CA TRP A 58 -16.00 3.10 24.14
C TRP A 58 -15.53 4.53 23.95
N ASN A 59 -14.40 4.87 24.56
CA ASN A 59 -13.92 6.22 24.41
C ASN A 59 -13.10 6.20 23.15
N ALA A 60 -13.51 6.96 22.14
CA ALA A 60 -12.77 6.97 20.89
C ALA A 60 -12.17 8.32 20.66
N SER A 61 -11.40 8.79 21.65
CA SER A 61 -10.78 10.12 21.56
C SER A 61 -9.28 10.17 21.26
N THR A 62 -8.61 9.02 21.23
CA THR A 62 -7.17 9.06 21.01
C THR A 62 -6.82 7.99 19.99
N TYR A 63 -5.63 8.06 19.40
CA TYR A 63 -5.30 7.03 18.43
C TYR A 63 -4.98 5.74 19.14
N PRO A 64 -5.14 4.63 18.41
CA PRO A 64 -4.75 3.36 18.99
C PRO A 64 -3.25 3.13 18.89
N ASN A 65 -2.86 1.99 19.46
CA ASN A 65 -1.47 1.61 19.42
C ASN A 65 -1.21 1.19 18.00
N ASN A 66 0.06 1.13 17.64
CA ASN A 66 0.42 0.73 16.29
C ASN A 66 0.85 -0.72 16.40
N CYS A 67 0.78 -1.43 15.28
CA CYS A 67 1.20 -2.82 15.36
C CYS A 67 2.71 -2.83 15.45
N GLN A 68 3.29 -3.96 15.86
CA GLN A 68 4.73 -4.06 15.97
C GLN A 68 5.30 -4.02 14.57
N GLN A 69 6.46 -3.38 14.43
CA GLN A 69 7.04 -3.32 13.10
C GLN A 69 8.46 -2.85 13.26
N TYR A 70 9.18 -2.86 12.14
CA TYR A 70 10.55 -2.43 12.15
C TYR A 70 10.56 -0.91 12.10
N VAL A 71 11.22 -0.29 13.08
CA VAL A 71 11.29 1.15 13.10
C VAL A 71 12.43 1.54 12.17
N ASP A 72 12.22 2.59 11.36
CA ASP A 72 13.28 2.91 10.45
C ASP A 72 14.16 3.92 11.09
N GLU A 73 15.43 3.56 11.30
CA GLU A 73 16.30 4.57 11.88
C GLU A 73 17.56 4.72 11.08
N GLN A 74 17.36 4.67 9.75
CA GLN A 74 18.52 4.84 8.88
C GLN A 74 18.94 6.29 8.82
N PHE A 75 18.04 7.20 9.17
CA PHE A 75 18.39 8.61 9.17
C PHE A 75 17.72 9.20 10.38
N PRO A 76 18.21 8.83 11.60
CA PRO A 76 17.48 9.18 12.81
C PRO A 76 17.26 10.66 12.89
N GLY A 77 16.05 11.03 13.29
CA GLY A 77 15.73 12.44 13.40
C GLY A 77 15.30 13.08 12.09
N PHE A 78 15.70 12.47 10.97
CA PHE A 78 15.32 13.08 9.71
C PHE A 78 13.84 12.96 9.47
N SER A 79 13.17 14.10 9.29
CA SER A 79 11.72 14.06 9.05
C SER A 79 11.32 13.22 7.85
N GLY A 80 12.08 13.35 6.78
CA GLY A 80 11.72 12.58 5.60
C GLY A 80 11.53 11.09 5.84
N SER A 81 12.18 10.55 6.87
CA SER A 81 12.01 9.13 7.12
C SER A 81 11.10 8.94 8.29
N GLU A 82 11.32 9.79 9.28
CA GLU A 82 10.55 9.74 10.50
C GLU A 82 9.05 9.88 10.28
N MET A 83 8.66 10.70 9.30
CA MET A 83 7.23 10.86 9.07
C MET A 83 6.46 9.54 8.87
N TRP A 84 7.20 8.50 8.49
CA TRP A 84 6.59 7.20 8.25
C TRP A 84 6.75 6.20 9.39
N ASN A 85 7.29 6.60 10.54
CA ASN A 85 7.48 5.59 11.61
C ASN A 85 6.35 5.62 12.60
N PRO A 86 6.09 4.49 13.30
CA PRO A 86 4.98 4.46 14.24
C PRO A 86 5.10 5.62 15.20
N ASN A 87 4.06 6.45 15.27
CA ASN A 87 4.09 7.59 16.15
C ASN A 87 3.29 7.33 17.40
N ARG A 88 3.10 6.06 17.77
CA ARG A 88 2.32 5.70 18.95
C ARG A 88 2.97 4.45 19.48
N GLU A 89 2.58 4.05 20.69
CA GLU A 89 3.19 2.84 21.25
C GLU A 89 2.82 1.68 20.39
N MET A 90 3.80 0.86 20.10
CA MET A 90 3.48 -0.28 19.31
C MET A 90 2.97 -1.30 20.31
N SER A 91 2.15 -2.25 19.84
CA SER A 91 1.61 -3.29 20.68
C SER A 91 1.09 -4.34 19.73
N GLU A 92 0.93 -5.57 20.25
CA GLU A 92 0.37 -6.61 19.39
C GLU A 92 -1.12 -6.35 19.26
N ASP A 93 -1.65 -5.78 20.34
CA ASP A 93 -3.03 -5.37 20.40
C ASP A 93 -3.12 -4.08 19.59
N CYS A 94 -3.34 -4.22 18.29
CA CYS A 94 -3.38 -3.02 17.48
C CYS A 94 -4.46 -3.01 16.42
N LEU A 95 -5.38 -3.99 16.47
CA LEU A 95 -6.45 -4.01 15.47
C LEU A 95 -7.61 -3.08 15.89
N TYR A 96 -7.59 -1.85 15.35
CA TYR A 96 -8.61 -0.82 15.60
C TYR A 96 -8.79 -0.06 14.33
N LEU A 97 -9.77 0.84 14.29
CA LEU A 97 -9.97 1.63 13.09
C LEU A 97 -10.33 3.02 13.53
N ASN A 98 -10.21 3.99 12.62
CA ASN A 98 -10.51 5.40 12.95
C ASN A 98 -11.47 5.90 11.89
N ILE A 99 -12.35 6.84 12.24
CA ILE A 99 -13.34 7.38 11.32
C ILE A 99 -13.45 8.90 11.51
N TRP A 100 -13.36 9.65 10.42
CA TRP A 100 -13.53 11.10 10.55
C TRP A 100 -14.87 11.27 9.91
N VAL A 101 -15.78 11.97 10.59
CA VAL A 101 -17.13 12.17 10.09
C VAL A 101 -17.39 13.68 10.02
N PRO A 102 -18.09 14.16 8.97
CA PRO A 102 -18.49 15.56 8.95
C PRO A 102 -19.42 15.99 10.08
N SER A 103 -19.56 17.31 10.16
CA SER A 103 -20.42 17.94 11.15
C SER A 103 -21.16 18.95 10.30
N PRO A 104 -22.49 18.97 10.32
CA PRO A 104 -23.33 18.00 11.04
C PRO A 104 -23.20 16.65 10.39
N ARG A 105 -23.44 15.61 11.21
CA ARG A 105 -23.36 14.25 10.70
C ARG A 105 -24.24 14.11 9.47
N PRO A 106 -23.73 13.56 8.36
CA PRO A 106 -24.57 13.33 7.18
C PRO A 106 -25.48 12.14 7.45
N LYS A 107 -26.50 12.00 6.57
CA LYS A 107 -27.49 10.93 6.68
C LYS A 107 -26.97 9.64 6.07
N SER A 108 -26.54 9.77 4.84
CA SER A 108 -25.96 8.65 4.13
C SER A 108 -25.06 9.33 3.14
N THR A 109 -23.76 9.01 3.15
CA THR A 109 -22.83 9.63 2.22
C THR A 109 -21.75 8.62 1.91
N THR A 110 -20.90 8.94 0.91
CA THR A 110 -19.82 8.06 0.48
C THR A 110 -18.82 7.82 1.59
N VAL A 111 -18.20 6.65 1.49
CA VAL A 111 -17.23 6.25 2.47
C VAL A 111 -15.94 5.93 1.72
N MET A 112 -14.79 6.29 2.33
CA MET A 112 -13.47 6.01 1.77
C MET A 112 -12.73 5.33 2.89
N VAL A 113 -12.26 4.10 2.65
CA VAL A 113 -11.52 3.34 3.67
C VAL A 113 -10.08 3.30 3.18
N TRP A 114 -9.15 3.76 4.00
CA TRP A 114 -7.73 3.80 3.66
C TRP A 114 -6.98 2.61 4.25
N ILE A 115 -6.30 1.86 3.37
CA ILE A 115 -5.48 0.72 3.74
C ILE A 115 -4.04 1.19 3.47
N TYR A 116 -3.24 1.35 4.56
CA TYR A 116 -1.86 1.83 4.48
C TYR A 116 -0.85 0.87 3.85
N GLY A 117 0.24 1.49 3.39
CA GLY A 117 1.31 0.75 2.76
C GLY A 117 2.40 0.53 3.77
N GLY A 118 3.51 0.01 3.23
CA GLY A 118 4.68 -0.31 4.04
C GLY A 118 5.35 -1.64 3.68
N GLY A 119 5.24 -2.04 2.40
CA GLY A 119 5.88 -3.30 2.02
C GLY A 119 5.50 -4.54 2.85
N PHE A 120 4.32 -4.47 3.47
CA PHE A 120 3.81 -5.54 4.30
C PHE A 120 4.51 -5.73 5.63
N TYR A 121 5.62 -5.01 5.90
CA TYR A 121 6.37 -5.13 7.19
C TYR A 121 6.20 -3.89 8.06
N SER A 122 5.56 -2.84 7.54
CA SER A 122 5.39 -1.67 8.37
C SER A 122 4.07 -1.03 8.03
N GLY A 123 3.71 0.02 8.79
CA GLY A 123 2.50 0.76 8.53
C GLY A 123 1.78 1.18 9.80
N SER A 124 1.12 2.33 9.73
CA SER A 124 0.35 2.82 10.84
C SER A 124 -0.75 3.63 10.22
N SER A 125 -1.86 3.72 10.93
CA SER A 125 -3.00 4.48 10.45
C SER A 125 -3.04 5.87 11.06
N THR A 126 -2.25 6.01 12.12
CA THR A 126 -2.10 7.18 12.94
C THR A 126 -1.10 8.22 12.42
N LEU A 127 -0.48 7.91 11.29
CA LEU A 127 0.49 8.86 10.78
C LEU A 127 -0.19 10.15 10.40
N ASP A 128 0.52 11.24 10.45
CA ASP A 128 -0.07 12.52 10.11
C ASP A 128 -0.39 12.64 8.65
N VAL A 129 0.28 11.86 7.78
CA VAL A 129 -0.10 12.03 6.36
C VAL A 129 -1.33 11.17 6.05
N TYR A 130 -1.91 10.54 7.08
CA TYR A 130 -3.09 9.72 6.89
C TYR A 130 -4.20 10.26 7.79
N ASN A 131 -4.05 11.52 8.21
CA ASN A 131 -5.06 12.11 9.07
C ASN A 131 -6.17 12.55 8.14
N GLY A 132 -7.30 11.86 8.21
CA GLY A 132 -8.40 12.17 7.30
C GLY A 132 -9.26 13.39 7.57
N LYS A 133 -8.90 14.24 8.56
CA LYS A 133 -9.75 15.41 8.81
C LYS A 133 -9.97 16.33 7.61
N TYR A 134 -8.91 16.49 6.83
CA TYR A 134 -9.03 17.41 5.71
C TYR A 134 -9.87 16.86 4.60
N LEU A 135 -9.70 15.57 4.33
CA LEU A 135 -10.49 14.99 3.24
C LEU A 135 -11.98 14.95 3.62
N ALA A 136 -12.23 14.45 4.83
CA ALA A 136 -13.59 14.34 5.33
C ALA A 136 -14.32 15.67 5.27
N TYR A 137 -13.59 16.70 5.66
CA TYR A 137 -14.16 18.04 5.67
C TYR A 137 -14.33 18.64 4.28
N THR A 138 -13.24 18.78 3.57
CA THR A 138 -13.30 19.39 2.26
C THR A 138 -14.24 18.69 1.27
N GLU A 139 -14.31 17.36 1.32
CA GLU A 139 -15.18 16.66 0.36
C GLU A 139 -16.45 16.08 0.98
N GLU A 140 -16.56 16.19 2.29
CA GLU A 140 -17.75 15.68 2.96
C GLU A 140 -17.99 14.23 2.68
N VAL A 141 -17.05 13.44 3.18
CA VAL A 141 -17.16 12.01 3.02
C VAL A 141 -16.84 11.48 4.39
N VAL A 142 -17.18 10.22 4.61
CA VAL A 142 -16.84 9.60 5.88
C VAL A 142 -15.51 8.90 5.49
N LEU A 143 -14.48 9.05 6.34
CA LEU A 143 -13.24 8.40 5.96
C LEU A 143 -12.79 7.51 7.07
N VAL A 144 -12.36 6.30 6.76
CA VAL A 144 -11.88 5.44 7.84
C VAL A 144 -10.48 4.97 7.48
N SER A 145 -9.75 4.48 8.50
CA SER A 145 -8.40 3.95 8.28
C SER A 145 -8.33 2.63 9.04
N LEU A 146 -7.83 1.57 8.40
CA LEU A 146 -7.71 0.26 9.03
C LEU A 146 -6.34 0.12 9.69
N SER A 147 -6.16 -1.02 10.34
CA SER A 147 -4.93 -1.41 10.96
C SER A 147 -4.87 -2.86 10.59
N TYR A 148 -3.68 -3.43 10.38
CA TYR A 148 -3.62 -4.82 10.06
C TYR A 148 -2.25 -5.28 10.40
N ARG A 149 -2.16 -6.52 10.78
CA ARG A 149 -0.87 -7.02 11.15
C ARG A 149 0.01 -7.12 9.94
N VAL A 150 1.24 -6.65 10.11
CA VAL A 150 2.29 -6.64 9.11
C VAL A 150 3.38 -7.58 9.61
N GLY A 151 4.34 -7.85 8.75
CA GLY A 151 5.43 -8.70 9.19
C GLY A 151 5.05 -10.13 9.48
N ALA A 152 5.88 -10.73 10.32
CA ALA A 152 5.71 -12.11 10.72
C ALA A 152 4.33 -12.30 11.27
N PHE A 153 4.03 -11.39 12.19
CA PHE A 153 2.77 -11.35 12.91
C PHE A 153 1.52 -11.38 12.07
N GLY A 154 1.63 -10.91 10.82
CA GLY A 154 0.48 -10.90 9.96
C GLY A 154 0.63 -11.76 8.73
N PHE A 155 1.84 -12.24 8.41
CA PHE A 155 1.95 -13.00 7.19
C PHE A 155 2.77 -14.27 7.25
N LEU A 156 3.06 -14.74 8.46
CA LEU A 156 3.81 -16.00 8.58
C LEU A 156 2.92 -17.07 7.97
N ALA A 157 3.45 -18.05 7.24
CA ALA A 157 2.50 -18.96 6.63
C ALA A 157 2.88 -20.43 6.55
N LEU A 158 2.57 -21.15 7.62
CA LEU A 158 2.82 -22.60 7.65
C LEU A 158 1.53 -23.20 7.11
N HIS A 159 1.42 -23.07 5.80
CA HIS A 159 0.26 -23.47 5.03
C HIS A 159 -0.75 -24.45 5.59
N GLY A 160 -0.42 -25.73 5.73
CA GLY A 160 -1.47 -26.59 6.25
C GLY A 160 -1.71 -26.47 7.73
N SER A 161 -1.72 -25.26 8.28
CA SER A 161 -1.92 -25.14 9.71
C SER A 161 -2.98 -24.10 9.95
N GLN A 162 -3.71 -24.46 11.02
CA GLN A 162 -4.79 -23.57 11.45
C GLN A 162 -4.20 -22.51 12.39
N GLU A 163 -3.09 -22.91 13.01
CA GLU A 163 -2.44 -21.99 13.95
C GLU A 163 -1.75 -20.83 13.26
N ALA A 164 -1.21 -21.08 12.08
CA ALA A 164 -0.55 -20.03 11.31
C ALA A 164 -0.80 -20.37 9.84
N PRO A 165 -2.04 -20.13 9.38
CA PRO A 165 -2.30 -20.16 7.95
C PRO A 165 -1.77 -18.82 7.49
N GLY A 166 -1.58 -18.67 6.20
CA GLY A 166 -1.05 -17.33 5.89
C GLY A 166 -2.13 -16.29 5.85
N ASN A 167 -1.80 -15.22 5.14
CA ASN A 167 -2.69 -14.10 4.88
C ASN A 167 -3.51 -13.53 6.01
N VAL A 168 -3.12 -13.82 7.24
CA VAL A 168 -3.89 -13.32 8.35
C VAL A 168 -4.05 -11.80 8.37
N GLY A 169 -3.03 -11.10 7.94
CA GLY A 169 -3.15 -9.64 7.94
C GLY A 169 -4.18 -9.16 6.95
N LEU A 170 -4.33 -9.98 5.92
CA LEU A 170 -5.26 -9.74 4.84
C LEU A 170 -6.67 -9.93 5.43
N LEU A 171 -6.78 -10.98 6.25
CA LEU A 171 -8.09 -11.19 6.88
C LEU A 171 -8.44 -10.02 7.81
N ASP A 172 -7.43 -9.49 8.51
CA ASP A 172 -7.76 -8.37 9.39
C ASP A 172 -8.37 -7.24 8.61
N GLN A 173 -7.90 -7.05 7.37
CA GLN A 173 -8.43 -5.96 6.57
C GLN A 173 -9.88 -6.21 6.28
N ARG A 174 -10.12 -7.46 5.90
CA ARG A 174 -11.47 -7.87 5.60
C ARG A 174 -12.38 -7.62 6.76
N MET A 175 -11.97 -8.08 7.94
CA MET A 175 -12.79 -7.87 9.12
C MET A 175 -13.13 -6.40 9.34
N ALA A 176 -12.17 -5.54 9.06
CA ALA A 176 -12.52 -4.15 9.25
C ALA A 176 -13.50 -3.74 8.19
N LEU A 177 -13.36 -4.28 6.98
CA LEU A 177 -14.31 -3.97 5.90
C LEU A 177 -15.72 -4.43 6.28
N GLN A 178 -15.76 -5.55 7.00
CA GLN A 178 -17.04 -6.06 7.45
C GLN A 178 -17.65 -5.09 8.42
N TRP A 179 -16.91 -4.75 9.46
CA TRP A 179 -17.46 -3.82 10.45
C TRP A 179 -17.92 -2.53 9.81
N VAL A 180 -17.18 -2.05 8.82
CA VAL A 180 -17.62 -0.83 8.17
C VAL A 180 -18.95 -1.04 7.48
N HIS A 181 -19.08 -2.19 6.82
CA HIS A 181 -20.29 -2.55 6.11
C HIS A 181 -21.50 -2.61 7.03
N ASP A 182 -21.25 -3.21 8.19
CA ASP A 182 -22.31 -3.36 9.17
C ASP A 182 -22.50 -2.19 10.11
N ASN A 183 -21.76 -1.09 10.01
CA ASN A 183 -22.06 -0.07 11.02
C ASN A 183 -21.80 1.32 10.54
N ILE A 184 -21.30 1.49 9.31
CA ILE A 184 -21.03 2.85 8.90
C ILE A 184 -22.28 3.74 8.84
N GLN A 185 -23.44 3.07 8.68
CA GLN A 185 -24.73 3.75 8.64
C GLN A 185 -24.93 4.59 9.88
N PHE A 186 -24.49 4.05 11.04
CA PHE A 186 -24.69 4.84 12.25
C PHE A 186 -23.85 6.09 12.32
N PHE A 187 -22.93 6.20 11.36
CA PHE A 187 -22.06 7.37 11.31
C PHE A 187 -22.43 8.23 10.12
N GLY A 188 -23.45 7.82 9.37
CA GLY A 188 -23.84 8.63 8.23
C GLY A 188 -23.29 8.12 6.92
N GLY A 189 -22.66 6.95 6.95
CA GLY A 189 -22.10 6.48 5.69
C GLY A 189 -23.00 5.49 5.01
N ASP A 190 -22.92 5.46 3.68
CA ASP A 190 -23.72 4.54 2.90
C ASP A 190 -22.93 3.27 2.64
N PRO A 191 -23.27 2.14 3.26
CA PRO A 191 -22.51 0.91 3.03
C PRO A 191 -22.43 0.41 1.60
N LYS A 192 -23.29 0.94 0.74
CA LYS A 192 -23.29 0.54 -0.65
C LYS A 192 -22.45 1.45 -1.50
N THR A 193 -21.70 2.36 -0.84
CA THR A 193 -20.84 3.25 -1.61
C THR A 193 -19.54 3.52 -0.89
N VAL A 194 -18.86 2.41 -0.48
CA VAL A 194 -17.58 2.55 0.17
C VAL A 194 -16.54 2.21 -0.90
N THR A 195 -15.50 3.02 -0.97
CA THR A 195 -14.39 2.83 -1.88
C THR A 195 -13.14 2.52 -1.02
N ILE A 196 -12.40 1.45 -1.33
CA ILE A 196 -11.21 1.18 -0.57
C ILE A 196 -10.07 1.82 -1.37
N PHE A 197 -9.18 2.59 -0.72
CA PHE A 197 -8.04 3.19 -1.42
C PHE A 197 -6.81 2.79 -0.63
N GLY A 198 -5.63 2.69 -1.28
CA GLY A 198 -4.43 2.30 -0.53
C GLY A 198 -3.21 2.51 -1.41
N GLU A 199 -2.02 2.60 -0.80
CA GLU A 199 -0.78 2.84 -1.56
C GLU A 199 0.31 1.81 -1.27
N SER A 200 1.16 1.49 -2.25
CA SER A 200 2.22 0.51 -2.03
C SER A 200 1.52 -0.80 -1.68
N ALA A 201 1.82 -1.37 -0.50
CA ALA A 201 1.20 -2.62 -0.11
C ALA A 201 -0.30 -2.43 0.06
N GLY A 202 -0.71 -1.19 0.38
CA GLY A 202 -2.14 -0.92 0.52
C GLY A 202 -2.80 -1.06 -0.84
N GLY A 203 -2.19 -0.43 -1.85
CA GLY A 203 -2.75 -0.55 -3.18
C GLY A 203 -2.74 -1.99 -3.67
N ALA A 204 -1.73 -2.74 -3.25
CA ALA A 204 -1.72 -4.13 -3.69
C ALA A 204 -2.81 -4.92 -2.94
N SER A 205 -3.05 -4.57 -1.68
CA SER A 205 -4.08 -5.21 -0.90
C SER A 205 -5.48 -4.98 -1.54
N VAL A 206 -5.70 -3.73 -1.94
CA VAL A 206 -6.94 -3.35 -2.59
C VAL A 206 -7.18 -4.28 -3.77
N GLY A 207 -6.20 -4.37 -4.65
CA GLY A 207 -6.40 -5.27 -5.77
C GLY A 207 -6.60 -6.71 -5.31
N MET A 208 -6.06 -7.06 -4.14
CA MET A 208 -6.25 -8.43 -3.68
C MET A 208 -7.70 -8.61 -3.22
N HIS A 209 -8.37 -7.53 -2.81
CA HIS A 209 -9.77 -7.66 -2.39
C HIS A 209 -10.63 -7.77 -3.65
N ILE A 210 -10.26 -7.03 -4.68
CA ILE A 210 -10.98 -7.16 -5.92
C ILE A 210 -10.88 -8.60 -6.45
N LEU A 211 -9.84 -9.33 -6.06
CA LEU A 211 -9.65 -10.71 -6.54
C LEU A 211 -10.25 -11.77 -5.63
N SER A 212 -10.07 -11.58 -4.34
CA SER A 212 -10.57 -12.57 -3.40
C SER A 212 -12.10 -12.58 -3.40
N PRO A 213 -12.67 -13.77 -3.73
CA PRO A 213 -14.13 -13.94 -3.66
C PRO A 213 -14.73 -13.45 -2.36
N GLY A 214 -14.13 -13.91 -1.27
CA GLY A 214 -14.65 -13.50 0.04
C GLY A 214 -14.73 -11.99 0.30
N SER A 215 -13.95 -11.16 -0.41
CA SER A 215 -14.06 -9.75 -0.10
C SER A 215 -14.80 -8.92 -1.12
N ARG A 216 -14.99 -9.48 -2.33
CA ARG A 216 -15.63 -8.70 -3.38
C ARG A 216 -16.87 -7.98 -2.99
N ASP A 217 -17.60 -8.53 -2.03
CA ASP A 217 -18.87 -7.88 -1.72
C ASP A 217 -18.87 -6.76 -0.69
N LEU A 218 -17.75 -6.48 0.02
CA LEU A 218 -17.81 -5.44 1.05
C LEU A 218 -17.37 -4.07 0.60
N PHE A 219 -17.24 -3.88 -0.72
CA PHE A 219 -16.83 -2.56 -1.16
C PHE A 219 -17.38 -2.39 -2.58
N ARG A 220 -17.43 -1.13 -3.04
CA ARG A 220 -17.98 -0.86 -4.38
C ARG A 220 -16.89 -0.67 -5.39
N ARG A 221 -16.15 0.44 -5.22
CA ARG A 221 -15.06 0.78 -6.13
C ARG A 221 -13.73 0.66 -5.39
N ALA A 222 -12.63 0.86 -6.13
CA ALA A 222 -11.32 0.78 -5.48
C ALA A 222 -10.35 1.75 -6.15
N ILE A 223 -9.36 2.23 -5.39
CA ILE A 223 -8.30 3.12 -5.88
C ILE A 223 -6.99 2.43 -5.48
N LEU A 224 -6.05 2.33 -6.43
CA LEU A 224 -4.77 1.67 -6.15
C LEU A 224 -3.67 2.66 -6.48
N GLN A 225 -2.82 2.96 -5.49
CA GLN A 225 -1.74 3.94 -5.71
C GLN A 225 -0.39 3.22 -5.60
N SER A 226 0.37 3.22 -6.71
CA SER A 226 1.68 2.58 -6.76
C SER A 226 1.68 1.18 -6.19
N GLY A 227 0.70 0.36 -6.56
CA GLY A 227 0.65 -1.00 -6.03
C GLY A 227 -0.22 -1.83 -6.98
N SER A 228 -0.07 -3.13 -6.95
CA SER A 228 -0.87 -3.91 -7.87
C SER A 228 -0.71 -5.30 -7.34
N PRO A 229 -1.76 -6.14 -7.30
CA PRO A 229 -1.66 -7.38 -6.52
C PRO A 229 -0.64 -8.30 -7.14
N ASN A 230 -0.47 -8.12 -8.44
CA ASN A 230 0.45 -8.93 -9.22
C ASN A 230 1.89 -8.41 -9.18
N CYS A 231 2.17 -7.42 -8.34
CA CYS A 231 3.54 -6.94 -8.29
C CYS A 231 4.38 -8.04 -7.65
N PRO A 232 5.66 -8.21 -8.10
CA PRO A 232 6.45 -9.38 -7.76
C PRO A 232 6.75 -9.51 -6.30
N TRP A 233 6.71 -8.36 -5.64
CA TRP A 233 7.01 -8.37 -4.23
C TRP A 233 5.80 -8.55 -3.36
N ALA A 234 4.61 -8.72 -3.96
CA ALA A 234 3.41 -8.84 -3.11
C ALA A 234 2.96 -10.26 -2.78
N SER A 235 3.55 -11.32 -3.31
CA SER A 235 3.01 -12.61 -2.88
C SER A 235 4.04 -13.69 -2.98
N VAL A 236 3.83 -14.81 -2.30
CA VAL A 236 4.77 -15.92 -2.40
C VAL A 236 3.94 -17.19 -2.44
N SER A 237 4.55 -18.27 -2.87
CA SER A 237 3.79 -19.51 -2.92
C SER A 237 3.75 -20.10 -1.54
N VAL A 238 2.89 -21.10 -1.35
CA VAL A 238 2.87 -21.68 -0.01
C VAL A 238 4.18 -22.30 0.35
N ALA A 239 4.83 -22.81 -0.69
CA ALA A 239 6.12 -23.44 -0.43
C ALA A 239 7.10 -22.44 0.12
N GLU A 240 7.18 -21.30 -0.58
CA GLU A 240 8.10 -20.28 -0.13
C GLU A 240 7.79 -19.79 1.26
N GLY A 241 6.52 -19.57 1.51
CA GLY A 241 6.17 -19.09 2.84
C GLY A 241 6.61 -20.09 3.88
N ARG A 242 6.48 -21.37 3.54
CA ARG A 242 6.89 -22.36 4.52
C ARG A 242 8.37 -22.23 4.77
N ARG A 243 9.09 -22.16 3.66
CA ARG A 243 10.52 -22.01 3.70
C ARG A 243 10.95 -20.88 4.61
N ARG A 244 10.41 -19.69 4.36
CA ARG A 244 10.77 -18.56 5.20
C ARG A 244 10.29 -18.72 6.63
N ALA A 245 9.15 -19.40 6.77
CA ALA A 245 8.61 -19.56 8.09
C ALA A 245 9.51 -20.36 8.98
N VAL A 246 10.08 -21.39 8.37
CA VAL A 246 10.97 -22.28 9.10
C VAL A 246 12.32 -21.64 9.31
N GLU A 247 12.75 -20.93 8.27
CA GLU A 247 14.04 -20.25 8.33
C GLU A 247 14.05 -19.27 9.47
N LEU A 248 12.89 -18.64 9.68
CA LEU A 248 12.79 -17.71 10.80
C LEU A 248 12.96 -18.51 12.07
N GLY A 249 12.29 -19.64 12.08
CA GLY A 249 12.35 -20.51 13.23
C GLY A 249 13.75 -20.87 13.61
N ARG A 250 14.57 -21.18 12.61
CA ARG A 250 15.92 -21.54 12.98
C ARG A 250 16.72 -20.34 13.45
N ASN A 251 16.38 -19.15 12.97
CA ASN A 251 17.14 -17.99 13.48
C ASN A 251 16.85 -17.77 14.97
N LEU A 252 15.71 -18.27 15.45
CA LEU A 252 15.42 -18.12 16.88
C LEU A 252 15.70 -19.43 17.60
N ASN A 253 16.28 -20.36 16.85
CA ASN A 253 16.64 -21.69 17.34
C ASN A 253 15.45 -22.46 17.89
N CYS A 254 14.36 -22.33 17.17
CA CYS A 254 13.16 -23.03 17.57
C CYS A 254 13.31 -24.45 17.13
N ASN A 255 12.56 -25.32 17.81
CA ASN A 255 12.55 -26.75 17.46
C ASN A 255 11.81 -26.80 16.16
N LEU A 256 12.43 -27.32 15.10
CA LEU A 256 11.74 -27.35 13.81
C LEU A 256 11.21 -28.72 13.40
N ASN A 257 10.89 -29.56 14.38
CA ASN A 257 10.39 -30.90 14.10
C ASN A 257 8.92 -30.90 13.69
N SER A 258 8.22 -29.81 13.94
CA SER A 258 6.80 -29.79 13.57
C SER A 258 6.27 -28.38 13.59
N ASP A 259 5.17 -28.18 12.88
CA ASP A 259 4.61 -26.82 12.88
C ASP A 259 4.15 -26.45 14.27
N GLU A 260 3.73 -27.46 15.03
CA GLU A 260 3.27 -27.19 16.37
C GLU A 260 4.35 -26.63 17.26
N GLU A 261 5.52 -27.28 17.12
CA GLU A 261 6.67 -26.90 17.92
C GLU A 261 7.18 -25.54 17.47
N LEU A 262 7.29 -25.43 16.16
CA LEU A 262 7.77 -24.21 15.57
C LEU A 262 6.91 -23.04 15.99
N ILE A 263 5.61 -23.23 15.83
CA ILE A 263 4.66 -22.18 16.16
C ILE A 263 4.65 -21.88 17.63
N HIS A 264 4.61 -22.92 18.48
CA HIS A 264 4.59 -22.62 19.92
C HIS A 264 5.80 -21.77 20.25
N CYS A 265 6.90 -22.22 19.70
CA CYS A 265 8.14 -21.54 19.93
C CYS A 265 8.04 -20.06 19.57
N LEU A 266 7.57 -19.82 18.34
CA LEU A 266 7.46 -18.45 17.90
C LEU A 266 6.46 -17.66 18.72
N ARG A 267 5.49 -18.36 19.32
CA ARG A 267 4.49 -17.65 20.12
C ARG A 267 5.04 -17.24 21.46
N GLU A 268 6.18 -17.82 21.85
CA GLU A 268 6.78 -17.47 23.15
C GLU A 268 7.79 -16.38 23.00
N LYS A 269 8.29 -16.19 21.78
CA LYS A 269 9.29 -15.16 21.62
C LYS A 269 8.66 -13.79 21.76
N LYS A 270 9.45 -12.88 22.31
CA LYS A 270 8.94 -11.53 22.47
C LYS A 270 8.88 -10.91 21.08
N PRO A 271 7.94 -9.96 20.84
CA PRO A 271 7.72 -9.47 19.48
C PRO A 271 8.99 -8.99 18.81
N GLN A 272 9.76 -8.19 19.57
CA GLN A 272 11.00 -7.66 19.00
C GLN A 272 11.96 -8.73 18.53
N GLU A 273 11.97 -9.91 19.17
CA GLU A 273 12.92 -10.90 18.68
C GLU A 273 12.58 -11.27 17.27
N LEU A 274 11.26 -11.34 17.00
CA LEU A 274 10.84 -11.70 15.66
C LEU A 274 11.27 -10.63 14.69
N ILE A 275 11.04 -9.38 15.06
CA ILE A 275 11.43 -8.32 14.15
C ILE A 275 12.92 -8.32 13.87
N ASP A 276 13.73 -8.50 14.92
CA ASP A 276 15.20 -8.50 14.80
C ASP A 276 15.70 -9.41 13.69
N VAL A 277 15.20 -10.66 13.62
CA VAL A 277 15.74 -11.51 12.55
C VAL A 277 14.85 -11.57 11.33
N GLU A 278 13.79 -10.79 11.33
CA GLU A 278 12.85 -10.80 10.23
C GLU A 278 13.48 -10.67 8.84
N TRP A 279 14.42 -9.75 8.69
CA TRP A 279 15.00 -9.53 7.35
C TRP A 279 16.04 -10.61 6.99
N ASN A 280 16.33 -11.52 7.92
CA ASN A 280 17.32 -12.54 7.57
C ASN A 280 16.82 -13.64 6.70
N VAL A 281 15.55 -13.97 6.83
CA VAL A 281 15.06 -15.09 6.03
C VAL A 281 14.92 -14.93 4.52
N LEU A 282 15.17 -13.74 3.93
CA LEU A 282 15.01 -13.70 2.48
C LEU A 282 15.92 -14.69 1.79
N PRO A 283 15.50 -15.19 0.64
CA PRO A 283 16.34 -16.13 -0.08
C PRO A 283 17.43 -15.48 -0.94
N PHE A 284 17.50 -14.15 -1.03
CA PHE A 284 18.55 -13.61 -1.91
C PHE A 284 18.85 -12.17 -1.60
N ASP A 285 19.95 -11.67 -2.16
CA ASP A 285 20.29 -10.27 -1.90
C ASP A 285 19.33 -9.54 -2.79
N SER A 286 18.55 -8.60 -2.28
CA SER A 286 17.65 -7.99 -3.26
C SER A 286 17.15 -6.71 -2.72
N ILE A 287 16.55 -5.94 -3.61
CA ILE A 287 15.99 -4.66 -3.28
C ILE A 287 14.53 -4.74 -3.71
N PHE A 288 13.65 -4.10 -2.92
CA PHE A 288 12.24 -4.14 -3.23
C PHE A 288 11.66 -5.54 -3.10
N ARG A 289 12.06 -6.24 -2.03
CA ARG A 289 11.51 -7.57 -1.83
C ARG A 289 11.28 -7.65 -0.32
N PHE A 290 10.16 -8.25 0.11
CA PHE A 290 9.83 -8.31 1.55
C PHE A 290 9.75 -9.74 1.94
N SER A 291 9.92 -10.00 3.23
CA SER A 291 9.99 -11.40 3.63
C SER A 291 8.68 -12.12 3.83
N PHE A 292 7.89 -11.57 4.74
CA PHE A 292 6.58 -12.12 5.07
C PHE A 292 5.57 -11.29 4.30
N VAL A 293 4.97 -11.95 3.32
CA VAL A 293 4.05 -11.29 2.47
C VAL A 293 2.86 -12.28 2.22
N PRO A 294 1.75 -11.83 1.59
CA PRO A 294 0.69 -12.75 1.20
C PRO A 294 1.12 -13.97 0.42
N VAL A 295 0.50 -15.08 0.77
CA VAL A 295 0.80 -16.32 0.10
C VAL A 295 -0.38 -16.71 -0.77
N ILE A 296 -0.10 -17.31 -1.92
CA ILE A 296 -1.17 -17.75 -2.80
C ILE A 296 -1.54 -19.13 -2.24
N ASP A 297 -2.45 -19.10 -1.28
CA ASP A 297 -2.86 -20.32 -0.58
C ASP A 297 -4.02 -21.12 -1.09
N GLY A 298 -4.71 -20.68 -2.12
CA GLY A 298 -5.84 -21.51 -2.55
C GLY A 298 -7.16 -21.21 -1.84
N GLU A 299 -7.10 -20.36 -0.80
CA GLU A 299 -8.34 -20.00 -0.10
C GLU A 299 -8.63 -18.56 -0.49
N PHE A 300 -7.85 -17.66 0.13
CA PHE A 300 -8.01 -16.23 -0.17
C PHE A 300 -7.96 -16.01 -1.69
N PHE A 301 -6.97 -16.65 -2.30
CA PHE A 301 -6.84 -16.58 -3.75
C PHE A 301 -7.18 -18.01 -4.11
N PRO A 302 -8.17 -18.24 -4.96
CA PRO A 302 -8.45 -19.60 -5.38
C PRO A 302 -7.35 -20.16 -6.27
N THR A 303 -6.90 -19.31 -7.20
CA THR A 303 -5.86 -19.75 -8.14
C THR A 303 -4.82 -18.67 -8.22
N SER A 304 -3.89 -18.92 -9.11
CA SER A 304 -2.85 -17.94 -9.30
C SER A 304 -3.46 -16.65 -9.80
N LEU A 305 -2.89 -15.53 -9.36
CA LEU A 305 -3.42 -14.27 -9.80
C LEU A 305 -3.42 -14.13 -11.31
N GLU A 306 -2.50 -14.83 -11.97
CA GLU A 306 -2.48 -14.65 -13.41
C GLU A 306 -3.69 -15.30 -14.06
N SER A 307 -4.10 -16.48 -13.54
CA SER A 307 -5.30 -17.09 -14.13
C SER A 307 -6.50 -16.21 -13.85
N MET A 308 -6.59 -15.77 -12.61
CA MET A 308 -7.71 -14.92 -12.26
C MET A 308 -7.80 -13.72 -13.20
N LEU A 309 -6.66 -13.04 -13.40
CA LEU A 309 -6.69 -11.91 -14.30
C LEU A 309 -7.10 -12.33 -15.70
N ASN A 310 -6.59 -13.48 -16.13
CA ASN A 310 -6.91 -13.93 -17.47
C ASN A 310 -8.34 -14.40 -17.64
N SER A 311 -8.97 -14.83 -16.56
CA SER A 311 -10.34 -15.31 -16.68
C SER A 311 -11.40 -14.36 -16.24
N GLY A 312 -11.04 -13.17 -15.77
CA GLY A 312 -12.14 -12.31 -15.33
C GLY A 312 -12.70 -12.71 -14.03
N ASN A 313 -11.92 -13.52 -13.33
CA ASN A 313 -12.40 -13.98 -12.06
C ASN A 313 -12.14 -12.92 -11.03
N PHE A 314 -12.84 -11.79 -11.12
CA PHE A 314 -12.64 -10.74 -10.16
C PHE A 314 -13.83 -9.81 -10.18
N LYS A 315 -13.94 -8.99 -9.13
CA LYS A 315 -15.01 -8.03 -9.05
C LYS A 315 -14.90 -7.07 -10.24
N LYS A 316 -16.04 -6.71 -10.86
CA LYS A 316 -16.05 -5.80 -12.01
C LYS A 316 -16.79 -4.54 -11.66
N THR A 317 -16.04 -3.51 -11.37
CA THR A 317 -16.52 -2.19 -10.98
C THR A 317 -15.54 -1.30 -11.68
N GLN A 318 -15.48 -0.02 -11.32
CA GLN A 318 -14.50 0.83 -11.97
C GLN A 318 -13.43 1.08 -10.93
N ILE A 319 -12.20 1.28 -11.40
CA ILE A 319 -11.06 1.54 -10.52
C ILE A 319 -10.36 2.76 -11.05
N LEU A 320 -9.59 3.38 -10.15
CA LEU A 320 -8.78 4.57 -10.45
C LEU A 320 -7.41 4.22 -9.89
N LEU A 321 -6.36 4.19 -10.73
CA LEU A 321 -5.03 3.81 -10.23
C LEU A 321 -3.92 4.64 -10.86
N GLY A 322 -2.71 4.51 -10.29
CA GLY A 322 -1.61 5.28 -10.86
C GLY A 322 -0.25 4.98 -10.29
N VAL A 323 0.70 5.72 -10.83
CA VAL A 323 2.08 5.58 -10.51
C VAL A 323 2.70 6.97 -10.35
N ASN A 324 3.85 7.00 -9.68
CA ASN A 324 4.61 8.22 -9.45
C ASN A 324 5.82 8.10 -10.35
N LYS A 325 6.37 9.24 -10.73
CA LYS A 325 7.51 9.22 -11.63
C LYS A 325 8.78 8.48 -11.17
N ASP A 326 9.22 8.68 -9.91
CA ASP A 326 10.45 8.03 -9.44
C ASP A 326 10.16 7.07 -8.31
N GLU A 327 9.67 5.91 -8.75
CA GLU A 327 9.34 4.92 -7.73
C GLU A 327 10.54 4.23 -7.13
N GLY A 328 11.64 4.17 -7.91
CA GLY A 328 12.84 3.47 -7.43
C GLY A 328 13.67 4.14 -6.33
N SER A 329 13.87 5.43 -6.47
CA SER A 329 14.66 6.23 -5.53
C SER A 329 14.82 5.72 -4.13
N PHE A 330 13.70 5.65 -3.43
CA PHE A 330 13.73 5.23 -2.04
C PHE A 330 14.43 3.90 -1.84
N PHE A 331 14.12 2.94 -2.70
CA PHE A 331 14.75 1.63 -2.54
C PHE A 331 16.22 1.67 -2.82
N LEU A 332 16.59 2.43 -3.88
CA LEU A 332 18.00 2.52 -4.21
C LEU A 332 18.76 3.15 -3.04
N LEU A 333 18.33 4.36 -2.71
CA LEU A 333 18.90 5.09 -1.60
C LEU A 333 19.03 4.24 -0.34
N TYR A 334 18.05 3.39 -0.08
CA TYR A 334 18.16 2.61 1.15
C TYR A 334 18.98 1.36 1.02
N GLY A 335 19.23 0.83 -0.18
CA GLY A 335 20.03 -0.38 -0.11
C GLY A 335 20.83 -0.75 -1.32
N ALA A 336 21.10 0.21 -2.19
CA ALA A 336 21.88 -0.06 -3.37
C ALA A 336 23.18 0.70 -3.16
N PRO A 337 24.32 0.09 -3.54
CA PRO A 337 25.60 0.71 -3.28
C PRO A 337 25.93 1.88 -4.21
N GLY A 338 26.19 3.05 -3.61
CA GLY A 338 26.55 4.20 -4.43
C GLY A 338 25.64 5.37 -4.20
N PHE A 339 24.46 5.07 -3.68
CA PHE A 339 23.49 6.13 -3.45
C PHE A 339 23.60 6.59 -2.05
N SER A 340 23.43 7.88 -1.82
CA SER A 340 23.51 8.31 -0.45
C SER A 340 22.71 9.57 -0.48
N LYS A 341 22.09 9.87 0.67
CA LYS A 341 21.23 11.02 0.77
C LYS A 341 21.84 12.38 0.51
N ASP A 342 23.08 12.59 0.97
CA ASP A 342 23.61 13.94 0.81
C ASP A 342 24.53 14.17 -0.35
N SER A 343 24.61 13.19 -1.21
CA SER A 343 25.45 13.20 -2.37
C SER A 343 24.49 13.20 -3.54
N GLU A 344 24.95 13.40 -4.77
CA GLU A 344 24.00 13.35 -5.90
C GLU A 344 24.07 11.98 -6.59
N SER A 345 24.55 11.07 -5.78
CA SER A 345 24.67 9.70 -6.22
C SER A 345 24.92 9.36 -7.69
N LYS A 346 26.13 9.67 -8.20
CA LYS A 346 26.47 9.31 -9.58
C LYS A 346 26.97 7.88 -9.48
N ILE A 347 26.35 6.95 -10.21
CA ILE A 347 26.78 5.56 -10.07
C ILE A 347 27.73 5.18 -11.18
N SER A 348 28.71 4.41 -10.77
CA SER A 348 29.73 3.92 -11.67
C SER A 348 29.23 2.69 -12.37
N ARG A 349 29.87 2.28 -13.48
CA ARG A 349 29.33 1.06 -14.08
C ARG A 349 29.45 -0.11 -13.15
N GLU A 350 30.39 -0.04 -12.23
CA GLU A 350 30.48 -1.19 -11.33
C GLU A 350 29.27 -1.25 -10.43
N ASP A 351 29.00 -0.13 -9.76
CA ASP A 351 27.83 -0.16 -8.89
C ASP A 351 26.52 -0.26 -9.65
N PHE A 352 26.56 0.13 -10.92
CA PHE A 352 25.38 0.04 -11.76
C PHE A 352 25.05 -1.42 -11.90
N MET A 353 26.05 -2.17 -12.33
CA MET A 353 25.81 -3.59 -12.49
C MET A 353 25.50 -4.27 -11.18
N SER A 354 26.02 -3.71 -10.09
CA SER A 354 25.69 -4.33 -8.81
C SER A 354 24.22 -4.07 -8.49
N GLY A 355 23.79 -2.88 -8.91
CA GLY A 355 22.43 -2.51 -8.65
C GLY A 355 21.45 -3.38 -9.36
N VAL A 356 21.65 -3.53 -10.70
CA VAL A 356 20.71 -4.36 -11.43
C VAL A 356 20.65 -5.77 -10.90
N LYS A 357 21.75 -6.29 -10.37
CA LYS A 357 21.64 -7.64 -9.82
C LYS A 357 20.67 -7.62 -8.66
N LEU A 358 20.73 -6.55 -7.86
CA LEU A 358 19.81 -6.48 -6.73
C LEU A 358 18.37 -6.27 -7.17
N SER A 359 18.18 -5.56 -8.27
CA SER A 359 16.83 -5.32 -8.73
C SER A 359 16.19 -6.51 -9.38
N VAL A 360 16.98 -7.36 -10.01
CA VAL A 360 16.36 -8.48 -10.67
C VAL A 360 16.84 -9.79 -10.06
N PRO A 361 16.51 -10.05 -8.78
CA PRO A 361 17.11 -11.20 -8.08
C PRO A 361 16.94 -12.56 -8.72
N HIS A 362 15.97 -12.64 -9.61
CA HIS A 362 15.67 -13.91 -10.25
C HIS A 362 16.25 -14.01 -11.65
N ALA A 363 16.87 -12.94 -12.13
CA ALA A 363 17.37 -13.07 -13.47
C ALA A 363 18.63 -13.88 -13.43
N ASN A 364 18.89 -14.48 -14.59
CA ASN A 364 20.08 -15.27 -14.79
C ASN A 364 20.97 -14.30 -15.54
N ASP A 365 22.19 -14.75 -15.80
CA ASP A 365 23.16 -13.91 -16.49
C ASP A 365 22.65 -13.27 -17.74
N LEU A 366 21.93 -14.09 -18.49
CA LEU A 366 21.40 -13.59 -19.73
C LEU A 366 20.36 -12.52 -19.51
N GLY A 367 19.58 -12.75 -18.46
CA GLY A 367 18.53 -11.82 -18.12
C GLY A 367 19.09 -10.49 -17.74
N LEU A 368 20.12 -10.53 -16.86
CA LEU A 368 20.77 -9.30 -16.42
C LEU A 368 21.33 -8.58 -17.64
N ASP A 369 21.93 -9.39 -18.52
CA ASP A 369 22.48 -8.82 -19.76
C ASP A 369 21.42 -8.11 -20.57
N ALA A 370 20.23 -8.75 -20.63
CA ALA A 370 19.10 -8.21 -21.35
C ALA A 370 18.65 -6.89 -20.76
N VAL A 371 18.64 -6.80 -19.42
CA VAL A 371 18.21 -5.55 -18.78
C VAL A 371 19.18 -4.41 -19.12
N THR A 372 20.48 -4.69 -18.93
CA THR A 372 21.50 -3.70 -19.20
C THR A 372 21.41 -3.19 -20.64
N LEU A 373 21.16 -4.12 -21.54
CA LEU A 373 21.05 -3.71 -22.93
C LEU A 373 20.04 -2.57 -23.09
N GLN A 374 18.86 -2.80 -22.49
CA GLN A 374 17.79 -1.81 -22.61
C GLN A 374 17.98 -0.53 -21.87
N TYR A 375 18.51 -0.66 -20.66
CA TYR A 375 18.66 0.55 -19.85
C TYR A 375 19.95 1.31 -20.02
N THR A 376 20.93 0.79 -20.77
CA THR A 376 22.16 1.55 -20.92
C THR A 376 22.18 2.37 -22.19
N ASP A 377 22.76 3.56 -22.04
CA ASP A 377 22.94 4.43 -23.20
C ASP A 377 24.33 4.02 -23.68
N TRP A 378 24.38 3.15 -24.67
CA TRP A 378 25.67 2.68 -25.15
C TRP A 378 26.58 3.75 -25.66
N MET A 379 26.05 4.88 -26.14
CA MET A 379 26.97 5.92 -26.60
C MET A 379 27.47 6.84 -25.48
N ASP A 380 27.27 6.41 -24.24
CA ASP A 380 27.70 7.23 -23.11
C ASP A 380 27.77 6.34 -21.88
N ASP A 381 28.09 5.09 -22.17
CA ASP A 381 28.24 3.97 -21.26
C ASP A 381 28.57 4.28 -19.79
N ASN A 382 29.64 5.03 -19.54
CA ASN A 382 30.08 5.32 -18.16
C ASN A 382 29.52 6.58 -17.51
N ASN A 383 28.42 7.15 -18.03
CA ASN A 383 27.93 8.40 -17.38
C ASN A 383 27.23 8.16 -16.04
N GLY A 384 27.87 8.64 -14.98
CA GLY A 384 27.31 8.45 -13.66
C GLY A 384 25.90 8.93 -13.43
N ILE A 385 25.54 10.04 -14.04
CA ILE A 385 24.18 10.53 -13.87
C ILE A 385 23.23 9.55 -14.59
N LYS A 386 23.60 9.27 -15.84
CA LYS A 386 22.78 8.36 -16.61
C LYS A 386 22.61 7.00 -15.95
N ASN A 387 23.65 6.57 -15.27
CA ASN A 387 23.56 5.28 -14.60
C ASN A 387 22.68 5.36 -13.38
N ARG A 388 22.73 6.52 -12.71
CA ARG A 388 21.90 6.67 -11.52
C ARG A 388 20.44 6.58 -11.92
N ASP A 389 20.15 7.39 -12.94
CA ASP A 389 18.80 7.44 -13.44
C ASP A 389 18.36 6.13 -14.03
N GLY A 390 19.21 5.45 -14.78
CA GLY A 390 18.76 4.19 -15.35
C GLY A 390 18.34 3.18 -14.29
N LEU A 391 19.08 3.18 -13.20
CA LEU A 391 18.77 2.25 -12.13
C LEU A 391 17.45 2.60 -11.46
N ASP A 392 17.23 3.90 -11.39
CA ASP A 392 15.99 4.39 -10.81
C ASP A 392 14.78 3.95 -11.65
N ASP A 393 15.02 3.70 -12.94
CA ASP A 393 13.94 3.26 -13.79
C ASP A 393 13.87 1.76 -13.86
N ILE A 394 14.98 1.10 -13.53
CA ILE A 394 14.91 -0.35 -13.56
C ILE A 394 14.01 -0.75 -12.40
N VAL A 395 14.34 -0.21 -11.24
CA VAL A 395 13.53 -0.57 -10.07
C VAL A 395 12.06 -0.19 -10.27
N GLY A 396 11.83 1.03 -10.72
CA GLY A 396 10.44 1.44 -10.89
C GLY A 396 9.67 0.65 -11.92
N ASP A 397 10.22 0.48 -13.11
CA ASP A 397 9.50 -0.25 -14.14
C ASP A 397 9.31 -1.70 -13.77
N HIS A 398 10.36 -2.30 -13.24
CA HIS A 398 10.21 -3.69 -12.90
C HIS A 398 9.21 -3.93 -11.78
N ASN A 399 9.31 -3.12 -10.72
CA ASN A 399 8.48 -3.36 -9.55
C ASN A 399 7.15 -2.63 -9.39
N VAL A 400 6.90 -1.56 -10.13
CA VAL A 400 5.63 -0.88 -9.90
C VAL A 400 4.92 -0.56 -11.20
N ILE A 401 5.60 0.14 -12.10
CA ILE A 401 4.90 0.51 -13.33
C ILE A 401 4.53 -0.66 -14.19
N CYS A 402 5.49 -1.48 -14.57
CA CYS A 402 5.09 -2.57 -15.45
C CYS A 402 4.05 -3.57 -14.91
N PRO A 403 4.10 -4.08 -13.66
CA PRO A 403 3.01 -4.95 -13.22
C PRO A 403 1.66 -4.22 -13.19
N LEU A 404 1.69 -2.93 -12.81
CA LEU A 404 0.43 -2.17 -12.75
C LEU A 404 -0.20 -2.10 -14.14
N MET A 405 0.64 -1.78 -15.14
CA MET A 405 0.08 -1.72 -16.49
C MET A 405 -0.46 -3.09 -16.91
N HIS A 406 0.15 -4.12 -16.38
CA HIS A 406 -0.34 -5.44 -16.74
C HIS A 406 -1.75 -5.61 -16.21
N PHE A 407 -1.88 -5.26 -14.91
CA PHE A 407 -3.18 -5.38 -14.23
C PHE A 407 -4.24 -4.59 -14.94
N VAL A 408 -3.91 -3.34 -15.23
CA VAL A 408 -4.85 -2.49 -15.93
C VAL A 408 -5.32 -3.11 -17.21
N ASN A 409 -4.38 -3.60 -17.99
CA ASN A 409 -4.85 -4.16 -19.24
C ASN A 409 -5.71 -5.35 -19.07
N LYS A 410 -5.38 -6.20 -18.10
CA LYS A 410 -6.27 -7.37 -17.97
C LYS A 410 -7.60 -7.02 -17.29
N TYR A 411 -7.60 -5.97 -16.49
CA TYR A 411 -8.85 -5.64 -15.83
C TYR A 411 -9.80 -4.94 -16.76
N THR A 412 -9.25 -4.00 -17.52
CA THR A 412 -10.09 -3.23 -18.44
C THR A 412 -10.89 -4.07 -19.37
N LYS A 413 -10.45 -5.30 -19.62
CA LYS A 413 -11.27 -6.03 -20.52
C LYS A 413 -12.65 -6.30 -19.93
N PHE A 414 -12.66 -6.44 -18.59
CA PHE A 414 -13.93 -6.80 -17.98
C PHE A 414 -14.45 -5.86 -16.87
N GLY A 415 -13.73 -4.78 -16.58
CA GLY A 415 -14.19 -3.92 -15.51
C GLY A 415 -15.22 -2.97 -16.05
N ASN A 416 -15.73 -2.11 -15.17
CA ASN A 416 -16.74 -1.15 -15.61
C ASN A 416 -16.20 0.28 -15.63
N GLY A 417 -14.96 0.44 -16.10
CA GLY A 417 -14.33 1.77 -16.19
C GLY A 417 -12.96 1.79 -15.53
N THR A 418 -12.02 2.51 -16.13
CA THR A 418 -10.68 2.54 -15.55
C THR A 418 -10.10 3.93 -15.76
N TYR A 419 -9.56 4.55 -14.70
CA TYR A 419 -8.95 5.89 -14.80
C TYR A 419 -7.51 5.71 -14.32
N LEU A 420 -6.53 6.21 -15.10
CA LEU A 420 -5.11 6.05 -14.79
C LEU A 420 -4.41 7.38 -14.75
N TYR A 421 -3.55 7.59 -13.72
CA TYR A 421 -2.80 8.85 -13.58
C TYR A 421 -1.30 8.56 -13.45
N PHE A 422 -0.50 9.61 -13.71
CA PHE A 422 0.96 9.56 -13.63
C PHE A 422 1.28 10.77 -12.81
N PHE A 423 1.62 10.58 -11.54
CA PHE A 423 1.90 11.70 -10.66
C PHE A 423 3.37 12.03 -10.79
N ASN A 424 3.63 13.25 -11.22
CA ASN A 424 5.00 13.66 -11.43
C ASN A 424 5.28 15.05 -10.95
N HIS A 425 4.92 15.36 -9.72
CA HIS A 425 5.18 16.68 -9.17
C HIS A 425 6.01 16.50 -7.92
N ARG A 426 7.03 17.34 -7.80
CA ARG A 426 7.88 17.26 -6.63
C ARG A 426 7.45 18.39 -5.70
N ALA A 427 7.04 18.02 -4.49
CA ALA A 427 6.62 19.08 -3.57
C ALA A 427 7.76 20.04 -3.42
N SER A 428 7.40 21.32 -3.36
CA SER A 428 8.41 22.36 -3.21
C SER A 428 9.19 22.27 -1.91
N ASN A 429 8.56 21.68 -0.90
CA ASN A 429 9.19 21.53 0.39
C ASN A 429 9.76 20.13 0.61
N LEU A 430 9.99 19.36 -0.48
CA LEU A 430 10.50 18.01 -0.26
C LEU A 430 11.83 18.10 0.47
N VAL A 431 12.04 17.28 1.52
CA VAL A 431 13.34 17.31 2.21
C VAL A 431 14.34 16.26 1.70
N TRP A 432 13.91 15.45 0.75
CA TRP A 432 14.79 14.43 0.21
C TRP A 432 15.52 15.14 -0.94
N PRO A 433 16.69 14.61 -1.36
CA PRO A 433 17.42 15.25 -2.43
C PRO A 433 16.72 15.23 -3.74
N GLU A 434 17.09 16.22 -4.54
CA GLU A 434 16.54 16.39 -5.86
C GLU A 434 16.72 15.17 -6.75
N TRP A 435 17.77 14.37 -6.51
CA TRP A 435 17.95 13.23 -7.41
C TRP A 435 16.88 12.19 -7.27
N MET A 436 16.28 12.14 -6.08
CA MET A 436 15.23 11.15 -5.86
C MET A 436 13.92 11.53 -6.62
N GLY A 437 13.81 12.79 -7.02
CA GLY A 437 12.63 13.17 -7.78
C GLY A 437 11.31 13.03 -7.04
N VAL A 438 10.31 12.51 -7.78
CA VAL A 438 8.95 12.28 -7.29
C VAL A 438 8.98 10.89 -6.67
N ILE A 439 9.16 10.89 -5.36
CA ILE A 439 9.32 9.64 -4.63
C ILE A 439 8.06 8.85 -4.34
N HIS A 440 8.31 7.56 -4.24
CA HIS A 440 7.31 6.57 -3.90
C HIS A 440 6.75 7.01 -2.57
N GLY A 441 5.43 7.18 -2.48
CA GLY A 441 4.84 7.63 -1.23
C GLY A 441 4.54 9.09 -1.22
N TYR A 442 5.13 9.83 -2.15
CA TYR A 442 4.92 11.28 -2.07
C TYR A 442 3.66 11.95 -2.57
N GLU A 443 2.70 11.17 -3.12
CA GLU A 443 1.42 11.76 -3.60
C GLU A 443 0.40 11.76 -2.48
N ILE A 444 0.64 10.89 -1.52
CA ILE A 444 -0.26 10.81 -0.39
C ILE A 444 -0.42 12.16 0.32
N GLU A 445 0.58 13.04 0.25
CA GLU A 445 0.41 14.32 0.96
C GLU A 445 -0.68 15.11 0.35
N PHE A 446 -0.77 14.91 -0.97
CA PHE A 446 -1.74 15.60 -1.79
C PHE A 446 -3.15 15.04 -1.59
N VAL A 447 -3.26 13.72 -1.72
CA VAL A 447 -4.54 13.07 -1.55
C VAL A 447 -5.16 13.38 -0.17
N PHE A 448 -4.34 13.57 0.86
CA PHE A 448 -4.91 13.84 2.16
C PHE A 448 -5.02 15.32 2.48
N GLY A 449 -4.72 16.17 1.51
CA GLY A 449 -4.87 17.62 1.71
C GLY A 449 -3.94 18.36 2.67
N LEU A 450 -2.73 17.82 2.89
CA LEU A 450 -1.83 18.53 3.80
C LEU A 450 -1.41 19.90 3.22
N PRO A 451 -1.27 20.07 1.91
CA PRO A 451 -1.09 21.42 1.40
C PRO A 451 -2.09 22.49 1.84
N LEU A 452 -3.24 22.06 2.38
CA LEU A 452 -4.21 23.05 2.83
C LEU A 452 -3.75 23.71 4.10
N VAL A 453 -2.89 22.98 4.82
CA VAL A 453 -2.33 23.49 6.04
C VAL A 453 -1.23 24.44 5.64
N LYS A 454 -1.51 25.73 5.78
CA LYS A 454 -0.51 26.75 5.40
C LYS A 454 0.82 26.64 6.17
N GLU A 455 0.71 26.17 7.43
CA GLU A 455 1.92 26.03 8.25
C GLU A 455 2.91 25.03 7.66
N LEU A 456 2.47 24.21 6.72
CA LEU A 456 3.39 23.25 6.17
C LEU A 456 4.24 23.78 5.02
N ASN A 457 4.00 25.03 4.61
CA ASN A 457 4.82 25.67 3.57
C ASN A 457 4.72 25.14 2.15
N TYR A 458 3.51 24.94 1.62
CA TYR A 458 3.47 24.47 0.24
C TYR A 458 3.09 25.68 -0.57
N THR A 459 3.31 25.63 -1.87
CA THR A 459 2.93 26.80 -2.64
C THR A 459 1.43 26.79 -2.86
N ALA A 460 0.90 27.97 -3.22
CA ALA A 460 -0.53 28.05 -3.45
C ALA A 460 -0.91 27.18 -4.62
N GLU A 461 0.00 27.10 -5.61
CA GLU A 461 -0.29 26.27 -6.77
C GLU A 461 -0.44 24.79 -6.34
N GLU A 462 0.21 24.41 -5.24
CA GLU A 462 0.11 23.03 -4.76
C GLU A 462 -1.18 22.88 -4.01
N GLU A 463 -1.62 23.96 -3.36
CA GLU A 463 -2.90 23.89 -2.65
C GLU A 463 -3.99 23.56 -3.67
N ALA A 464 -3.87 24.25 -4.79
CA ALA A 464 -4.81 24.03 -5.87
C ALA A 464 -4.78 22.58 -6.30
N LEU A 465 -3.55 22.07 -6.50
CA LEU A 465 -3.37 20.69 -6.91
C LEU A 465 -4.00 19.70 -5.94
N SER A 466 -3.80 19.84 -4.62
CA SER A 466 -4.43 18.84 -3.76
C SER A 466 -5.94 18.94 -3.78
N ARG A 467 -6.47 20.17 -4.00
CA ARG A 467 -7.92 20.21 -4.04
C ARG A 467 -8.43 19.46 -5.28
N ARG A 468 -7.66 19.52 -6.38
CA ARG A 468 -8.13 18.80 -7.55
C ARG A 468 -8.06 17.32 -7.33
N ILE A 469 -6.97 16.94 -6.68
CA ILE A 469 -6.76 15.53 -6.41
C ILE A 469 -7.85 15.02 -5.50
N MET A 470 -8.05 15.73 -4.40
CA MET A 470 -9.07 15.34 -3.44
C MET A 470 -10.45 15.29 -4.04
N HIS A 471 -10.68 16.17 -5.02
CA HIS A 471 -11.99 16.15 -5.63
C HIS A 471 -12.11 14.94 -6.52
N TYR A 472 -11.09 14.70 -7.33
CA TYR A 472 -11.12 13.54 -8.22
C TYR A 472 -11.34 12.26 -7.43
N TRP A 473 -10.63 12.19 -6.31
CA TRP A 473 -10.72 11.02 -5.48
C TRP A 473 -12.13 10.91 -4.91
N ALA A 474 -12.67 12.04 -4.39
CA ALA A 474 -14.00 11.99 -3.80
C ALA A 474 -15.07 11.71 -4.82
N THR A 475 -15.12 12.51 -5.88
CA THR A 475 -16.07 12.32 -6.98
C THR A 475 -16.00 10.92 -7.57
N PHE A 476 -14.78 10.37 -7.67
CA PHE A 476 -14.75 9.01 -8.20
C PHE A 476 -15.40 8.05 -7.19
N ALA A 477 -15.17 8.32 -5.90
CA ALA A 477 -15.73 7.43 -4.89
C ALA A 477 -17.24 7.44 -4.88
N LYS A 478 -17.80 8.61 -5.21
CA LYS A 478 -19.26 8.68 -5.21
C LYS A 478 -19.84 8.17 -6.51
N THR A 479 -19.49 8.87 -7.54
CA THR A 479 -19.95 8.60 -8.86
C THR A 479 -19.35 7.42 -9.55
N GLY A 480 -18.03 7.33 -9.55
CA GLY A 480 -17.41 6.23 -10.30
C GLY A 480 -16.68 6.77 -11.50
N ASN A 481 -16.64 8.09 -11.54
CA ASN A 481 -15.97 8.81 -12.60
C ASN A 481 -15.39 9.98 -11.83
N PRO A 482 -14.11 10.35 -12.04
CA PRO A 482 -13.48 11.44 -11.29
C PRO A 482 -13.91 12.82 -11.72
N ASN A 483 -14.46 12.89 -12.93
CA ASN A 483 -14.90 14.14 -13.51
C ASN A 483 -16.30 14.54 -13.12
N GLU A 484 -16.44 15.80 -12.70
CA GLU A 484 -17.79 16.29 -12.39
C GLU A 484 -18.32 16.46 -13.81
N PRO A 485 -19.66 16.38 -13.96
CA PRO A 485 -20.28 16.73 -15.25
C PRO A 485 -20.08 18.18 -15.68
N SER A 490 -10.41 19.21 -17.45
CA SER A 490 -10.99 18.72 -18.69
C SER A 490 -11.30 17.30 -18.35
N LYS A 491 -11.93 16.57 -19.25
CA LYS A 491 -12.23 15.21 -18.89
C LYS A 491 -10.95 14.45 -18.82
N TRP A 492 -10.89 13.58 -17.82
CA TRP A 492 -9.79 12.72 -17.55
C TRP A 492 -10.30 11.50 -18.32
N PRO A 493 -9.77 11.21 -19.52
CA PRO A 493 -10.32 10.10 -20.31
C PRO A 493 -10.33 8.75 -19.62
N LEU A 494 -11.17 7.85 -20.15
CA LEU A 494 -11.17 6.50 -19.59
C LEU A 494 -9.96 5.86 -20.21
N PHE A 495 -9.48 4.84 -19.54
CA PHE A 495 -8.34 4.13 -20.07
C PHE A 495 -9.01 3.09 -20.92
N THR A 496 -8.51 2.87 -22.13
CA THR A 496 -9.10 1.85 -22.97
C THR A 496 -7.95 1.02 -23.50
N THR A 497 -8.20 -0.26 -23.73
CA THR A 497 -7.10 -1.07 -24.24
C THR A 497 -6.65 -0.61 -25.63
N LYS A 498 -7.59 0.04 -26.33
CA LYS A 498 -7.32 0.56 -27.66
C LYS A 498 -6.35 1.72 -27.59
N GLU A 499 -6.92 2.83 -27.12
CA GLU A 499 -6.19 4.08 -26.99
C GLU A 499 -6.03 4.29 -25.51
N GLN A 500 -4.95 3.70 -25.04
CA GLN A 500 -4.57 3.68 -23.64
C GLN A 500 -4.25 5.07 -23.06
N LYS A 501 -5.27 5.88 -22.81
CA LYS A 501 -5.02 7.22 -22.28
C LYS A 501 -4.87 7.25 -20.78
N PHE A 502 -4.14 8.28 -20.32
CA PHE A 502 -3.88 8.54 -18.92
C PHE A 502 -3.55 10.01 -18.85
N ILE A 503 -3.47 10.53 -17.62
CA ILE A 503 -3.17 11.94 -17.52
C ILE A 503 -2.02 12.19 -16.57
N ASP A 504 -1.44 13.37 -16.74
CA ASP A 504 -0.35 13.77 -15.86
C ASP A 504 -1.04 14.46 -14.69
N LEU A 505 -0.51 14.26 -13.51
CA LEU A 505 -1.12 14.86 -12.35
C LEU A 505 -0.07 15.74 -11.70
N ASN A 506 0.02 16.97 -12.18
CA ASN A 506 0.98 17.90 -11.65
C ASN A 506 0.32 19.24 -11.77
N THR A 507 0.94 20.28 -11.23
CA THR A 507 0.35 21.61 -11.25
C THR A 507 0.09 22.34 -12.59
N GLU A 508 0.51 21.80 -13.72
CA GLU A 508 0.26 22.49 -14.98
C GLU A 508 -1.16 22.18 -15.46
N PRO A 509 -1.57 22.86 -16.55
CA PRO A 509 -2.59 22.32 -17.46
C PRO A 509 -2.42 20.84 -17.85
N MET A 510 -3.44 20.08 -17.44
CA MET A 510 -3.55 18.65 -17.66
C MET A 510 -3.21 18.21 -19.08
N LYS A 511 -2.49 17.09 -19.17
CA LYS A 511 -2.15 16.58 -20.47
C LYS A 511 -2.53 15.14 -20.40
N VAL A 512 -3.06 14.69 -21.52
CA VAL A 512 -3.49 13.34 -21.67
C VAL A 512 -2.38 12.75 -22.50
N HIS A 513 -2.01 11.53 -22.21
CA HIS A 513 -0.94 10.91 -22.97
C HIS A 513 -1.44 9.56 -23.32
N GLN A 514 -0.59 8.76 -23.94
CA GLN A 514 -1.04 7.43 -24.28
C GLN A 514 0.07 6.45 -23.96
N ARG A 515 -0.35 5.21 -23.83
CA ARG A 515 0.53 4.10 -23.58
C ARG A 515 1.66 4.31 -22.56
N LEU A 516 1.29 4.52 -21.29
CA LEU A 516 2.29 4.73 -20.21
C LEU A 516 3.37 3.64 -20.27
N ARG A 517 4.60 4.09 -20.58
CA ARG A 517 5.79 3.26 -20.68
C ARG A 517 5.66 1.98 -21.48
N VAL A 518 5.13 2.05 -22.71
CA VAL A 518 5.02 0.78 -23.46
C VAL A 518 6.33 0.06 -23.68
N GLN A 519 7.23 0.72 -24.42
CA GLN A 519 8.55 0.16 -24.77
C GLN A 519 9.19 -0.63 -23.65
N MET A 520 9.33 0.05 -22.50
CA MET A 520 9.94 -0.64 -21.40
C MET A 520 9.04 -1.75 -20.87
N CYS A 521 7.76 -1.44 -20.76
CA CYS A 521 6.89 -2.46 -20.22
C CYS A 521 6.76 -3.70 -21.09
N VAL A 522 6.91 -3.63 -22.43
CA VAL A 522 6.79 -4.89 -23.18
C VAL A 522 8.00 -5.76 -22.85
N PHE A 523 9.12 -5.08 -22.58
CA PHE A 523 10.34 -5.79 -22.24
C PHE A 523 10.09 -6.60 -20.98
N TRP A 524 9.57 -5.92 -19.96
CA TRP A 524 9.37 -6.65 -18.71
C TRP A 524 8.21 -7.62 -18.68
N ASN A 525 7.13 -7.19 -19.31
CA ASN A 525 5.93 -8.02 -19.29
C ASN A 525 5.91 -9.13 -20.30
N GLN A 526 6.66 -9.00 -21.40
CA GLN A 526 6.60 -10.08 -22.37
C GLN A 526 7.96 -10.68 -22.69
N PHE A 527 8.97 -9.83 -22.93
CA PHE A 527 10.27 -10.43 -23.30
C PHE A 527 11.02 -11.15 -22.18
N LEU A 528 11.37 -10.37 -21.14
CA LEU A 528 12.11 -10.86 -19.99
C LEU A 528 11.62 -12.21 -19.54
N PRO A 529 10.31 -12.33 -19.24
CA PRO A 529 9.81 -13.60 -18.74
C PRO A 529 10.09 -14.75 -19.70
N LYS A 530 9.92 -14.52 -21.02
CA LYS A 530 10.20 -15.62 -21.96
C LYS A 530 11.63 -16.04 -21.93
N LEU A 531 12.47 -15.01 -21.89
CA LEU A 531 13.90 -15.23 -21.87
C LEU A 531 14.24 -16.13 -20.72
N LEU A 532 13.85 -15.66 -19.55
CA LEU A 532 14.14 -16.42 -18.33
C LEU A 532 13.59 -17.82 -18.37
N ASN A 533 12.48 -18.02 -19.07
CA ASN A 533 11.87 -19.34 -19.16
C ASN A 533 12.55 -20.27 -20.14
N ALA A 534 13.06 -19.68 -21.22
CA ALA A 534 13.69 -20.52 -22.21
C ALA A 534 15.01 -21.04 -21.71
N THR A 535 15.69 -20.16 -20.97
CA THR A 535 16.97 -20.51 -20.42
C THR A 535 16.79 -21.47 -19.23
C1 THA B . 11.29 7.50 1.82
C2 THA B . 10.07 7.17 1.22
C3 THA B . 9.17 6.33 1.88
C4 THA B . 9.51 5.78 3.17
C5 THA B . 10.76 6.13 3.73
C6 THA B . 11.63 6.98 3.06
N7 THA B . 8.03 6.05 1.30
C8 THA B . 7.13 5.26 1.85
C9 THA B . 7.36 4.64 3.12
C10 THA B . 8.57 4.92 3.79
C11 THA B . 5.86 4.96 1.01
C12 THA B . 4.67 4.38 1.80
C13 THA B . 5.14 3.25 2.73
C14 THA B . 6.21 3.76 3.72
N15 THA B . 8.78 4.39 5.01
#